data_4DXS
#
_entry.id   4DXS
#
_cell.length_a   79.320
_cell.length_b   79.320
_cell.length_c   260.030
_cell.angle_alpha   90.00
_cell.angle_beta   90.00
_cell.angle_gamma   120.00
#
_symmetry.space_group_name_H-M   'H 3 2'
#
loop_
_entity.id
_entity.type
_entity.pdbx_description
1 polymer 'SUN domain-containing protein 2'
2 polymer Nesprin-2
3 non-polymer DECYL-BETA-D-MALTOPYRANOSIDE
4 non-polymer 'POTASSIUM ION'
5 water water
#
loop_
_entity_poly.entity_id
_entity_poly.type
_entity_poly.pdbx_seq_one_letter_code
_entity_poly.pdbx_strand_id
1 'polypeptide(L)'
;GPGGSGGVTEEQVHHIVKQALQRYSEDRIGLADYALESGGASVISTRCSETYETKTALLSLFGIPLWYHSQSPRVILQPD
VHPGNCWAFQGPQGFAVVRLSARIRPTAVTLEHVPKALSPNSTISSAPKDFAIFGFDEDLQQEGTLLGKFTYDQDGEPIQ
TFHFQAPTMATYQVVELRILTNWGHPEYTCIYRFRVHGEPAH
;
A
2 'polypeptide(L)' GPGGSGEEDYSCTQANNFARSFYPMLRYTNGPPPT B
#
# COMPACT_ATOMS: atom_id res chain seq x y z
N GLY A 7 -7.36 37.90 -16.87
CA GLY A 7 -7.48 36.72 -15.97
C GLY A 7 -6.89 37.00 -14.60
N VAL A 8 -5.87 36.24 -14.20
CA VAL A 8 -5.44 36.30 -12.81
C VAL A 8 -4.17 37.09 -12.57
N THR A 9 -3.93 37.44 -11.32
CA THR A 9 -2.78 38.23 -10.98
C THR A 9 -1.66 37.37 -10.43
N GLU A 10 -0.47 37.93 -10.42
CA GLU A 10 0.71 37.27 -9.90
C GLU A 10 0.49 36.85 -8.42
N GLU A 11 -0.41 37.53 -7.72
CA GLU A 11 -0.59 37.28 -6.32
C GLU A 11 -1.54 36.16 -6.21
N GLN A 12 -2.56 36.22 -7.06
CA GLN A 12 -3.54 35.16 -7.07
C GLN A 12 -2.77 33.87 -7.31
N VAL A 13 -1.84 33.89 -8.26
CA VAL A 13 -1.12 32.68 -8.58
C VAL A 13 -0.36 32.15 -7.37
N HIS A 14 0.37 33.03 -6.70
CA HIS A 14 1.07 32.61 -5.53
C HIS A 14 0.22 31.94 -4.53
N HIS A 15 -0.98 32.48 -4.36
CA HIS A 15 -1.87 31.98 -3.33
C HIS A 15 -2.37 30.60 -3.68
N ILE A 16 -2.76 30.43 -4.94
CA ILE A 16 -3.19 29.13 -5.47
C ILE A 16 -2.11 28.06 -5.23
N VAL A 17 -0.85 28.46 -5.42
CA VAL A 17 0.25 27.55 -5.35
C VAL A 17 0.55 27.21 -3.89
N LYS A 18 0.51 28.23 -3.04
CA LYS A 18 0.61 28.00 -1.60
C LYS A 18 -0.48 27.02 -1.13
N GLN A 19 -1.71 27.22 -1.59
CA GLN A 19 -2.78 26.32 -1.17
C GLN A 19 -2.50 24.91 -1.71
N ALA A 20 -2.22 24.81 -3.01
CA ALA A 20 -1.88 23.50 -3.59
C ALA A 20 -0.78 22.75 -2.82
N LEU A 21 0.31 23.44 -2.44
CA LEU A 21 1.42 22.78 -1.76
C LEU A 21 1.02 22.47 -0.32
N GLN A 22 0.27 23.38 0.31
CA GLN A 22 -0.30 23.06 1.61
C GLN A 22 -1.03 21.71 1.54
N ARG A 23 -1.91 21.56 0.55
CA ARG A 23 -2.65 20.34 0.46
C ARG A 23 -1.69 19.20 0.17
N TYR A 24 -0.77 19.42 -0.76
CA TYR A 24 0.13 18.39 -1.18
C TYR A 24 0.81 17.81 0.05
N SER A 25 1.20 18.67 0.96
CA SER A 25 1.93 18.25 2.11
C SER A 25 1.07 17.61 3.20
N GLU A 26 -0.25 17.76 3.11
CA GLU A 26 -1.15 17.07 4.02
C GLU A 26 -1.51 15.71 3.44
N ASP A 27 -0.59 14.77 3.55
CA ASP A 27 -0.75 13.44 2.93
C ASP A 27 -1.40 13.42 1.53
N ARG A 28 -1.07 14.43 0.74
CA ARG A 28 -1.53 14.57 -0.65
C ARG A 28 -2.96 14.92 -0.79
N ILE A 29 -3.78 14.41 0.12
CA ILE A 29 -5.22 14.46 -0.08
C ILE A 29 -5.94 15.02 1.12
N GLY A 30 -5.20 15.31 2.18
CA GLY A 30 -5.76 16.03 3.32
C GLY A 30 -6.92 15.37 4.06
N LEU A 31 -6.94 14.04 4.15
CA LEU A 31 -7.86 13.33 5.03
C LEU A 31 -7.08 12.46 5.97
N ALA A 32 -7.47 12.43 7.24
CA ALA A 32 -6.76 11.65 8.21
C ALA A 32 -6.78 10.20 7.73
N ASP A 33 -5.86 9.41 8.25
CA ASP A 33 -5.75 8.03 7.83
C ASP A 33 -5.72 7.12 9.02
N TYR A 34 -6.85 6.45 9.24
CA TYR A 34 -7.00 5.69 10.49
C TYR A 34 -6.36 4.31 10.39
N ALA A 35 -5.86 4.00 9.19
CA ALA A 35 -5.14 2.81 8.87
C ALA A 35 -3.62 3.04 8.75
N LEU A 36 -3.16 4.28 8.93
CA LEU A 36 -1.72 4.53 8.90
C LEU A 36 -1.04 3.88 10.12
N GLU A 37 0.01 3.11 9.90
CA GLU A 37 0.59 2.35 11.00
C GLU A 37 1.10 3.22 12.14
N SER A 38 1.96 4.19 11.83
CA SER A 38 2.52 5.09 12.86
C SER A 38 1.47 5.82 13.70
N GLY A 39 0.24 5.90 13.20
CA GLY A 39 -0.86 6.50 13.98
C GLY A 39 -1.45 5.53 14.99
N GLY A 40 -1.02 4.26 14.95
CA GLY A 40 -1.60 3.27 15.84
C GLY A 40 -2.47 2.23 15.15
N ALA A 41 -2.32 2.10 13.84
CA ALA A 41 -3.07 1.10 13.10
C ALA A 41 -2.19 -0.10 12.90
N SER A 42 -2.75 -1.24 12.52
CA SER A 42 -1.86 -2.41 12.24
C SER A 42 -2.55 -3.47 11.42
N VAL A 43 -1.75 -4.26 10.75
CA VAL A 43 -2.27 -5.39 10.06
C VAL A 43 -2.33 -6.55 11.03
N ILE A 44 -3.51 -7.13 11.18
CA ILE A 44 -3.70 -8.14 12.18
C ILE A 44 -3.93 -9.51 11.63
N SER A 45 -3.84 -9.66 10.33
CA SER A 45 -4.15 -10.92 9.67
C SER A 45 -4.19 -10.72 8.19
N THR A 46 -3.61 -11.68 7.49
CA THR A 46 -3.70 -11.67 6.06
C THR A 46 -4.51 -12.86 5.61
N ARG A 47 -5.33 -13.40 6.52
CA ARG A 47 -6.05 -14.71 6.36
C ARG A 47 -5.11 -15.75 5.74
N CYS A 48 -5.48 -16.32 4.60
CA CYS A 48 -4.63 -17.31 3.94
C CYS A 48 -3.77 -16.73 2.82
N SER A 49 -3.51 -15.43 2.85
CA SER A 49 -2.74 -14.79 1.77
C SER A 49 -1.28 -15.18 1.87
N GLU A 50 -0.79 -15.80 0.82
CA GLU A 50 0.59 -16.25 0.84
C GLU A 50 1.47 -15.17 0.27
N THR A 51 2.31 -14.57 1.10
CA THR A 51 3.31 -13.67 0.54
C THR A 51 4.04 -14.36 -0.57
N TYR A 52 4.13 -13.67 -1.69
CA TYR A 52 4.89 -14.16 -2.80
C TYR A 52 6.35 -13.87 -2.48
N GLU A 53 7.08 -14.89 -2.02
CA GLU A 53 8.52 -14.72 -1.77
C GLU A 53 9.35 -15.12 -3.01
N THR A 54 10.08 -14.16 -3.57
CA THR A 54 10.89 -14.40 -4.77
C THR A 54 12.22 -15.07 -4.40
N LYS A 55 12.54 -15.08 -3.10
CA LYS A 55 13.86 -15.49 -2.61
C LYS A 55 14.99 -14.82 -3.45
N THR A 56 14.87 -13.51 -3.67
CA THR A 56 15.77 -12.79 -4.58
C THR A 56 16.69 -11.81 -3.85
N ALA A 57 16.16 -11.11 -2.85
CA ALA A 57 16.95 -10.06 -2.20
C ALA A 57 17.81 -10.66 -1.08
N LEU A 58 19.00 -11.13 -1.48
CA LEU A 58 19.97 -11.70 -0.55
C LEU A 58 20.79 -10.62 0.14
N LEU A 59 20.72 -10.57 1.45
CA LEU A 59 21.65 -9.79 2.28
C LEU A 59 22.80 -10.72 2.65
N SER A 60 23.99 -10.13 2.81
CA SER A 60 25.19 -10.92 3.00
C SER A 60 26.32 -10.08 3.51
N LEU A 61 27.04 -10.61 4.50
CA LEU A 61 28.12 -9.86 5.16
C LEU A 61 29.45 -10.53 4.83
N PHE A 62 30.47 -9.73 4.53
CA PHE A 62 31.82 -10.22 4.20
C PHE A 62 31.79 -11.34 3.15
N GLY A 63 30.68 -11.50 2.44
CA GLY A 63 30.54 -12.57 1.45
C GLY A 63 29.63 -13.73 1.87
N ILE A 64 29.19 -13.76 3.12
CA ILE A 64 28.40 -14.89 3.64
C ILE A 64 26.87 -14.60 3.69
N PRO A 65 26.08 -15.39 2.94
CA PRO A 65 24.61 -15.22 2.86
C PRO A 65 23.83 -15.27 4.19
N LEU A 66 23.30 -14.14 4.63
CA LEU A 66 22.49 -14.07 5.86
C LEU A 66 20.99 -14.37 5.66
N TRP A 67 20.21 -13.50 4.99
CA TRP A 67 18.85 -13.91 4.57
C TRP A 67 18.24 -13.14 3.44
N TYR A 68 17.18 -13.70 2.86
CA TYR A 68 16.42 -13.01 1.84
C TYR A 68 15.43 -12.00 2.41
N HIS A 69 15.41 -10.81 1.86
CA HIS A 69 14.42 -9.82 2.27
C HIS A 69 13.17 -9.94 1.45
N SER A 70 12.02 -9.74 2.07
CA SER A 70 10.80 -9.49 1.30
C SER A 70 9.90 -8.53 2.07
N GLN A 71 9.02 -7.85 1.35
CA GLN A 71 8.21 -6.81 1.99
C GLN A 71 7.19 -7.48 2.90
N SER A 72 7.13 -6.98 4.13
CA SER A 72 6.13 -7.42 5.08
C SER A 72 4.78 -6.99 4.51
N PRO A 73 3.67 -7.70 4.86
CA PRO A 73 2.40 -7.20 4.37
C PRO A 73 2.13 -5.87 5.03
N ARG A 74 2.88 -5.55 6.06
CA ARG A 74 2.66 -4.28 6.72
C ARG A 74 3.14 -3.04 6.02
N VAL A 75 3.89 -3.17 4.92
CA VAL A 75 4.17 -1.98 4.13
C VAL A 75 2.87 -1.34 3.71
N ILE A 76 1.79 -2.11 3.63
CA ILE A 76 0.60 -1.48 3.04
C ILE A 76 0.13 -0.30 3.89
N LEU A 77 0.46 -0.30 5.18
CA LEU A 77 0.14 0.83 6.07
C LEU A 77 1.29 1.79 6.35
N GLN A 78 2.29 1.82 5.48
CA GLN A 78 3.45 2.71 5.60
C GLN A 78 3.51 3.68 4.43
N PRO A 79 4.12 4.87 4.64
CA PRO A 79 4.01 5.85 3.54
C PRO A 79 5.03 5.76 2.44
N ASP A 80 6.13 5.04 2.61
CA ASP A 80 7.14 5.01 1.55
C ASP A 80 6.64 4.27 0.31
N VAL A 81 6.39 5.00 -0.75
CA VAL A 81 5.80 4.35 -1.92
C VAL A 81 6.72 4.34 -3.15
N HIS A 82 8.02 4.24 -2.95
CA HIS A 82 8.86 4.06 -4.09
C HIS A 82 8.63 2.69 -4.71
N PRO A 83 9.01 2.54 -5.97
CA PRO A 83 8.84 1.26 -6.65
C PRO A 83 9.45 0.10 -5.90
N GLY A 84 8.66 -0.93 -5.63
CA GLY A 84 9.15 -2.14 -4.95
C GLY A 84 8.76 -2.17 -3.49
N ASN A 85 8.42 -1.01 -2.93
CA ASN A 85 7.91 -0.94 -1.56
C ASN A 85 6.42 -1.37 -1.42
N CYS A 86 6.08 -2.55 -1.91
CA CYS A 86 4.71 -2.99 -1.84
C CYS A 86 4.68 -4.40 -1.33
N TRP A 87 3.52 -4.78 -0.78
CA TRP A 87 3.32 -6.13 -0.36
C TRP A 87 2.90 -6.96 -1.54
N ALA A 88 3.64 -8.04 -1.82
CA ALA A 88 3.23 -8.92 -2.90
C ALA A 88 2.65 -10.25 -2.37
N PHE A 89 1.56 -10.69 -2.97
CA PHE A 89 1.05 -12.00 -2.65
C PHE A 89 0.79 -12.75 -3.94
N GLN A 90 0.83 -14.08 -3.83
CA GLN A 90 0.62 -15.00 -4.96
C GLN A 90 -0.75 -14.87 -5.61
N GLY A 91 -0.75 -14.73 -6.92
CA GLY A 91 -2.01 -14.71 -7.66
C GLY A 91 -2.75 -13.38 -7.53
N PRO A 92 -4.00 -13.30 -8.08
CA PRO A 92 -4.76 -12.04 -8.14
C PRO A 92 -5.77 -11.85 -7.04
N GLN A 93 -5.69 -12.64 -5.97
CA GLN A 93 -6.66 -12.57 -4.87
C GLN A 93 -5.97 -12.66 -3.53
N GLY A 94 -6.32 -11.76 -2.59
CA GLY A 94 -5.61 -11.64 -1.31
C GLY A 94 -6.32 -10.72 -0.35
N PHE A 95 -5.96 -10.81 0.94
CA PHE A 95 -6.70 -10.12 2.00
C PHE A 95 -5.73 -9.42 2.92
N ALA A 96 -6.21 -8.36 3.56
CA ALA A 96 -5.47 -7.75 4.67
C ALA A 96 -6.44 -7.21 5.70
N VAL A 97 -6.33 -7.71 6.92
CA VAL A 97 -7.20 -7.22 7.96
C VAL A 97 -6.45 -6.19 8.79
N VAL A 98 -7.05 -5.02 8.92
CA VAL A 98 -6.36 -3.93 9.55
C VAL A 98 -7.12 -3.48 10.75
N ARG A 99 -6.51 -3.53 11.92
CA ARG A 99 -7.12 -2.88 13.06
C ARG A 99 -6.82 -1.39 12.97
N LEU A 100 -7.79 -0.58 12.59
CA LEU A 100 -7.55 0.87 12.49
C LEU A 100 -7.06 1.46 13.80
N SER A 101 -6.36 2.58 13.75
CA SER A 101 -5.87 3.23 14.97
C SER A 101 -7.00 3.69 15.88
N ALA A 102 -8.25 3.66 15.40
CA ALA A 102 -9.40 4.20 16.16
C ALA A 102 -10.72 3.63 15.70
N ARG A 103 -11.73 3.62 16.58
CA ARG A 103 -13.07 3.28 16.12
C ARG A 103 -13.68 4.50 15.36
N ILE A 104 -14.06 4.29 14.11
CA ILE A 104 -14.65 5.35 13.30
C ILE A 104 -15.83 4.85 12.46
N ARG A 105 -16.69 5.78 12.02
CA ARG A 105 -17.62 5.50 10.92
C ARG A 105 -16.79 5.66 9.66
N PRO A 106 -16.55 4.56 8.92
CA PRO A 106 -15.74 4.62 7.71
C PRO A 106 -16.54 5.27 6.65
N THR A 107 -16.01 6.35 6.06
CA THR A 107 -16.73 7.12 5.03
C THR A 107 -16.05 6.94 3.69
N ALA A 108 -14.75 6.60 3.69
CA ALA A 108 -13.96 6.37 2.45
C ALA A 108 -12.64 5.64 2.65
N VAL A 109 -12.15 5.06 1.56
CA VAL A 109 -10.79 4.51 1.53
C VAL A 109 -9.93 5.05 0.40
N THR A 110 -8.60 4.96 0.57
CA THR A 110 -7.63 5.27 -0.51
C THR A 110 -6.68 4.14 -0.78
N LEU A 111 -6.58 3.84 -2.06
CA LEU A 111 -5.60 2.93 -2.58
C LEU A 111 -4.71 3.72 -3.49
N GLU A 112 -3.42 3.39 -3.45
CA GLU A 112 -2.50 3.93 -4.46
C GLU A 112 -1.45 2.92 -4.87
N HIS A 113 -0.86 3.19 -6.01
CA HIS A 113 0.07 2.25 -6.64
C HIS A 113 1.16 3.08 -7.24
N VAL A 114 2.32 2.47 -7.45
CA VAL A 114 3.40 3.17 -8.15
C VAL A 114 2.89 3.83 -9.48
N PRO A 115 3.26 5.09 -9.75
CA PRO A 115 2.79 5.68 -11.02
C PRO A 115 3.38 5.00 -12.26
N LYS A 116 2.66 5.03 -13.38
CA LYS A 116 3.13 4.38 -14.60
C LYS A 116 4.51 4.84 -15.03
N ALA A 117 4.74 6.13 -14.99
CA ALA A 117 5.97 6.70 -15.53
C ALA A 117 7.19 6.24 -14.80
N LEU A 118 7.02 5.43 -13.74
CA LEU A 118 8.18 4.96 -12.98
C LEU A 118 8.22 3.47 -13.00
N SER A 119 7.25 2.89 -13.72
CA SER A 119 7.15 1.45 -13.96
C SER A 119 7.75 1.08 -15.34
N PRO A 120 8.48 -0.05 -15.44
CA PRO A 120 8.90 -0.41 -16.81
C PRO A 120 7.72 -0.58 -17.80
N ASN A 121 7.90 -0.04 -19.01
CA ASN A 121 6.93 -0.05 -20.13
C ASN A 121 5.64 0.69 -19.84
N SER A 122 5.67 1.52 -18.81
CA SER A 122 4.50 2.27 -18.45
C SER A 122 3.31 1.38 -18.26
N THR A 123 3.51 0.23 -17.64
CA THR A 123 2.39 -0.62 -17.29
C THR A 123 2.53 -1.12 -15.88
N ILE A 124 1.38 -1.37 -15.27
CA ILE A 124 1.31 -1.76 -13.87
C ILE A 124 0.28 -2.87 -13.68
N SER A 125 0.56 -3.97 -14.37
CA SER A 125 -0.27 -5.17 -14.34
C SER A 125 -0.36 -5.77 -12.95
N SER A 126 0.62 -5.50 -12.10
CA SER A 126 0.57 -6.02 -10.73
C SER A 126 -0.29 -5.17 -9.76
N ALA A 127 -0.95 -4.15 -10.28
CA ALA A 127 -1.81 -3.28 -9.49
C ALA A 127 -3.09 -4.04 -9.12
N PRO A 128 -3.69 -3.72 -7.99
CA PRO A 128 -4.98 -4.33 -7.74
C PRO A 128 -6.01 -3.73 -8.68
N LYS A 129 -7.09 -4.48 -8.93
CA LYS A 129 -8.17 -4.07 -9.82
C LYS A 129 -9.43 -3.96 -8.97
N ASP A 130 -10.28 -4.99 -8.99
CA ASP A 130 -11.54 -4.98 -8.27
C ASP A 130 -11.20 -5.37 -6.86
N PHE A 131 -11.80 -4.69 -5.88
CA PHE A 131 -11.58 -5.00 -4.48
C PHE A 131 -12.82 -4.61 -3.68
N ALA A 132 -12.86 -4.99 -2.39
CA ALA A 132 -13.97 -4.66 -1.49
C ALA A 132 -13.53 -4.49 -0.03
N ILE A 133 -14.42 -3.88 0.76
CA ILE A 133 -14.07 -3.53 2.10
C ILE A 133 -15.15 -4.08 3.04
N PHE A 134 -14.71 -4.83 4.06
CA PHE A 134 -15.62 -5.40 5.03
C PHE A 134 -15.25 -4.84 6.36
N GLY A 135 -16.25 -4.51 7.13
CA GLY A 135 -16.03 -4.03 8.48
C GLY A 135 -16.44 -5.15 9.41
N PHE A 136 -15.82 -5.20 10.58
CA PHE A 136 -16.15 -6.19 11.61
C PHE A 136 -16.44 -5.47 12.91
N ASP A 137 -17.61 -5.77 13.47
CA ASP A 137 -18.12 -5.12 14.69
C ASP A 137 -17.38 -5.51 15.98
N GLU A 138 -16.40 -6.41 15.90
CA GLU A 138 -15.60 -6.77 17.06
C GLU A 138 -14.51 -7.77 16.68
N ASP A 139 -14.94 -8.99 16.40
CA ASP A 139 -14.05 -10.11 16.19
C ASP A 139 -13.98 -10.36 14.70
N LEU A 140 -12.75 -10.47 14.20
CA LEU A 140 -12.50 -10.63 12.76
C LEU A 140 -12.91 -11.99 12.16
N GLN A 141 -13.16 -13.01 12.99
CA GLN A 141 -13.44 -14.34 12.47
C GLN A 141 -14.88 -14.59 11.99
N GLN A 142 -15.75 -13.59 12.23
CA GLN A 142 -17.10 -13.59 11.69
C GLN A 142 -17.00 -13.36 10.20
N GLU A 143 -18.05 -13.70 9.50
CA GLU A 143 -18.21 -13.21 8.15
C GLU A 143 -18.44 -11.74 8.40
N GLY A 144 -17.74 -10.89 7.68
CA GLY A 144 -17.82 -9.49 8.02
C GLY A 144 -18.82 -8.80 7.16
N THR A 145 -19.25 -7.62 7.60
CA THR A 145 -20.18 -6.78 6.87
C THR A 145 -19.56 -5.99 5.71
N LEU A 146 -20.04 -6.18 4.50
CA LEU A 146 -19.48 -5.44 3.38
C LEU A 146 -19.82 -3.96 3.42
N LEU A 147 -18.79 -3.11 3.23
CA LEU A 147 -18.99 -1.68 3.19
C LEU A 147 -18.89 -1.06 1.80
N GLY A 148 -18.21 -1.73 0.86
CA GLY A 148 -18.02 -1.16 -0.48
C GLY A 148 -17.17 -2.03 -1.39
N LYS A 149 -17.37 -1.88 -2.68
CA LYS A 149 -16.75 -2.66 -3.70
C LYS A 149 -16.37 -1.63 -4.75
N PHE A 150 -15.14 -1.68 -5.26
CA PHE A 150 -14.61 -0.64 -6.14
C PHE A 150 -13.59 -1.27 -7.06
N THR A 151 -13.15 -0.49 -8.04
CA THR A 151 -12.10 -0.92 -8.96
C THR A 151 -10.99 0.12 -9.00
N TYR A 152 -9.75 -0.30 -8.74
CA TYR A 152 -8.59 0.59 -8.89
C TYR A 152 -8.33 0.74 -10.39
N ASP A 153 -8.25 1.97 -10.85
CA ASP A 153 -8.28 2.23 -12.28
C ASP A 153 -6.86 2.35 -12.79
N GLN A 154 -6.36 1.38 -13.54
CA GLN A 154 -4.95 1.41 -13.95
C GLN A 154 -4.56 2.56 -14.84
N ASP A 155 -5.55 3.25 -15.42
CA ASP A 155 -5.34 4.44 -16.23
C ASP A 155 -5.69 5.75 -15.49
N GLY A 156 -6.02 5.64 -14.20
CA GLY A 156 -6.36 6.80 -13.39
C GLY A 156 -5.09 7.35 -12.77
N GLU A 157 -5.20 8.25 -11.81
CA GLU A 157 -4.08 8.76 -11.05
C GLU A 157 -3.55 7.74 -10.04
N PRO A 158 -2.28 7.83 -9.66
CA PRO A 158 -1.69 6.78 -8.79
C PRO A 158 -2.38 6.57 -7.42
N ILE A 159 -2.84 7.67 -6.83
CA ILE A 159 -3.60 7.67 -5.60
C ILE A 159 -5.07 7.89 -5.95
N GLN A 160 -5.97 7.04 -5.46
CA GLN A 160 -7.39 7.19 -5.74
C GLN A 160 -8.23 6.87 -4.53
N THR A 161 -9.22 7.71 -4.31
CA THR A 161 -10.04 7.65 -3.11
C THR A 161 -11.48 7.26 -3.45
N PHE A 162 -12.00 6.33 -2.69
CA PHE A 162 -13.29 5.78 -3.01
C PHE A 162 -14.26 6.09 -1.86
N HIS A 163 -15.33 6.79 -2.17
CA HIS A 163 -16.25 7.12 -1.10
C HIS A 163 -17.29 6.10 -1.07
N PHE A 164 -17.64 5.66 0.11
CA PHE A 164 -18.73 4.72 0.25
C PHE A 164 -20.04 5.39 -0.08
N GLN A 165 -20.90 4.66 -0.79
CA GLN A 165 -22.32 5.04 -0.99
C GLN A 165 -23.26 4.80 0.24
N ALA A 166 -24.01 5.82 0.62
CA ALA A 166 -24.79 5.84 1.86
C ALA A 166 -24.32 4.94 3.06
N PRO A 167 -23.08 5.14 3.50
CA PRO A 167 -22.62 4.49 4.73
C PRO A 167 -23.64 4.55 5.84
N THR A 168 -23.78 3.46 6.61
CA THR A 168 -24.57 3.49 7.84
C THR A 168 -23.77 4.30 8.78
N MET A 169 -24.35 4.67 9.90
CA MET A 169 -23.52 5.34 10.88
C MET A 169 -22.83 4.36 11.83
N ALA A 170 -22.81 3.09 11.45
CA ALA A 170 -22.10 2.02 12.15
C ALA A 170 -20.59 2.33 12.18
N THR A 171 -20.02 2.37 13.37
CA THR A 171 -18.58 2.48 13.54
C THR A 171 -17.89 1.11 13.55
N TYR A 172 -16.60 1.09 13.19
CA TYR A 172 -15.75 -0.11 13.26
C TYR A 172 -14.31 0.26 13.58
N GLN A 173 -13.51 -0.74 13.97
CA GLN A 173 -12.08 -0.58 14.26
C GLN A 173 -11.25 -1.65 13.58
N VAL A 174 -11.94 -2.62 12.98
CA VAL A 174 -11.33 -3.66 12.20
C VAL A 174 -12.01 -3.67 10.84
N VAL A 175 -11.23 -3.57 9.77
CA VAL A 175 -11.76 -3.59 8.43
C VAL A 175 -10.84 -4.48 7.66
N GLU A 176 -11.28 -4.93 6.50
CA GLU A 176 -10.51 -5.86 5.73
C GLU A 176 -10.47 -5.39 4.30
N LEU A 177 -9.26 -5.35 3.75
CA LEU A 177 -9.06 -4.99 2.37
C LEU A 177 -9.05 -6.30 1.64
N ARG A 178 -10.06 -6.52 0.82
CA ARG A 178 -10.14 -7.78 0.13
C ARG A 178 -9.96 -7.51 -1.34
N ILE A 179 -8.81 -7.91 -1.88
CA ILE A 179 -8.45 -7.70 -3.28
C ILE A 179 -8.99 -8.85 -4.14
N LEU A 180 -9.86 -8.53 -5.08
CA LEU A 180 -10.51 -9.58 -5.87
C LEU A 180 -9.87 -9.87 -7.23
N THR A 181 -9.30 -8.87 -7.87
CA THR A 181 -8.65 -9.10 -9.16
C THR A 181 -7.45 -8.22 -9.25
N ASN A 182 -6.59 -8.51 -10.22
CA ASN A 182 -5.51 -7.60 -10.55
C ASN A 182 -5.52 -7.15 -12.00
N TRP A 183 -4.47 -6.47 -12.42
CA TRP A 183 -4.51 -5.91 -13.72
C TRP A 183 -3.83 -6.78 -14.74
N GLY A 184 -3.60 -8.04 -14.39
CA GLY A 184 -3.23 -9.06 -15.37
C GLY A 184 -1.90 -9.72 -15.15
N HIS A 185 -1.21 -9.32 -14.11
CA HIS A 185 0.14 -9.83 -13.97
C HIS A 185 -0.04 -11.25 -13.58
N PRO A 186 0.68 -12.17 -14.23
CA PRO A 186 0.27 -13.56 -14.06
C PRO A 186 0.71 -14.18 -12.74
N GLU A 187 1.58 -13.50 -12.00
CA GLU A 187 2.28 -14.15 -10.90
C GLU A 187 2.03 -13.61 -9.49
N TYR A 188 1.79 -12.31 -9.34
CA TYR A 188 1.47 -11.71 -8.01
C TYR A 188 0.63 -10.41 -8.13
N THR A 189 0.08 -9.94 -7.01
CA THR A 189 -0.39 -8.55 -6.96
C THR A 189 0.46 -7.80 -5.96
N CYS A 190 0.80 -6.56 -6.27
CA CYS A 190 1.61 -5.78 -5.35
C CYS A 190 0.77 -4.61 -4.80
N ILE A 191 0.55 -4.62 -3.48
CA ILE A 191 -0.11 -3.51 -2.76
C ILE A 191 0.83 -2.48 -2.11
N TYR A 192 0.79 -1.27 -2.64
CA TYR A 192 1.59 -0.19 -2.14
C TYR A 192 1.09 0.43 -0.84
N ARG A 193 0.05 1.26 -0.91
CA ARG A 193 -0.60 1.75 0.31
C ARG A 193 -2.11 1.73 0.30
N PHE A 194 -2.66 1.39 1.46
CA PHE A 194 -4.10 1.31 1.70
C PHE A 194 -4.38 2.29 2.83
N ARG A 195 -5.34 3.21 2.66
CA ARG A 195 -5.76 4.16 3.74
C ARG A 195 -7.23 4.10 4.05
N VAL A 196 -7.58 4.38 5.30
CA VAL A 196 -8.97 4.36 5.65
C VAL A 196 -9.35 5.67 6.33
N HIS A 197 -10.31 6.36 5.70
CA HIS A 197 -10.85 7.60 6.25
C HIS A 197 -12.26 7.50 6.81
N GLY A 198 -12.55 8.36 7.78
CA GLY A 198 -13.89 8.36 8.38
C GLY A 198 -14.04 9.31 9.54
N GLU A 199 -15.15 9.22 10.27
CA GLU A 199 -15.38 10.14 11.41
C GLU A 199 -15.13 9.42 12.70
N PRO A 200 -14.35 10.04 13.59
CA PRO A 200 -14.13 9.43 14.91
C PRO A 200 -15.38 9.49 15.76
N ALA A 201 -15.58 8.51 16.63
CA ALA A 201 -16.80 8.43 17.45
C ALA A 201 -16.96 9.57 18.48
N HIS A 202 -18.23 9.89 18.77
CA HIS A 202 -18.64 10.82 19.85
C HIS A 202 -20.13 10.72 20.09
N CYS B 12 40.35 -0.08 -12.50
CA CYS B 12 41.03 -0.15 -11.16
C CYS B 12 41.33 -1.58 -10.64
N THR B 13 42.24 -2.25 -11.35
CA THR B 13 42.54 -3.67 -11.16
C THR B 13 41.26 -4.47 -10.78
N GLN B 14 41.43 -5.54 -10.01
CA GLN B 14 40.34 -6.44 -9.68
C GLN B 14 39.66 -6.16 -8.33
N ALA B 15 40.00 -5.01 -7.73
CA ALA B 15 39.57 -4.61 -6.37
C ALA B 15 38.04 -4.65 -6.09
N ASN B 16 37.64 -4.73 -4.81
CA ASN B 16 36.23 -4.64 -4.37
C ASN B 16 36.11 -4.51 -2.85
N ASN B 17 36.21 -3.28 -2.35
CA ASN B 17 36.21 -3.02 -0.92
C ASN B 17 34.85 -3.14 -0.25
N PHE B 18 33.79 -2.96 -1.05
CA PHE B 18 32.42 -3.18 -0.55
C PHE B 18 32.32 -4.63 -0.07
N ALA B 19 32.71 -5.57 -0.92
CA ALA B 19 32.76 -7.02 -0.62
C ALA B 19 33.52 -7.43 0.67
N ARG B 20 34.58 -6.68 1.00
CA ARG B 20 35.43 -6.95 2.16
C ARG B 20 35.26 -5.93 3.30
N SER B 21 34.03 -5.77 3.80
CA SER B 21 33.74 -4.79 4.88
C SER B 21 32.67 -5.21 5.90
N PHE B 22 32.51 -4.39 6.95
CA PHE B 22 31.47 -4.60 7.98
C PHE B 22 30.06 -4.15 7.52
N TYR B 23 29.96 -3.78 6.24
CA TYR B 23 28.70 -3.30 5.63
C TYR B 23 27.84 -4.42 4.99
N PRO B 24 26.59 -4.57 5.45
CA PRO B 24 25.77 -5.58 4.76
C PRO B 24 25.60 -5.21 3.28
N MET B 25 25.70 -6.23 2.43
CA MET B 25 25.57 -6.08 0.98
C MET B 25 24.30 -6.75 0.49
N LEU B 26 23.67 -6.15 -0.51
CA LEU B 26 22.40 -6.64 -0.97
C LEU B 26 22.45 -6.88 -2.44
N ARG B 27 21.92 -8.02 -2.88
CA ARG B 27 21.91 -8.34 -4.30
C ARG B 27 20.82 -9.31 -4.70
N TYR B 28 20.34 -9.11 -5.91
CA TYR B 28 19.15 -9.80 -6.37
C TYR B 28 19.58 -11.04 -7.14
N THR B 29 19.62 -12.16 -6.44
CA THR B 29 20.12 -13.40 -7.04
C THR B 29 19.14 -13.92 -8.11
N ASN B 30 17.84 -13.86 -7.83
CA ASN B 30 16.83 -14.08 -8.88
C ASN B 30 16.58 -12.84 -9.75
N GLY B 31 15.37 -12.73 -10.28
CA GLY B 31 15.00 -11.56 -11.07
C GLY B 31 14.67 -10.38 -10.17
N PRO B 32 13.82 -9.44 -10.66
CA PRO B 32 13.45 -8.30 -9.79
C PRO B 32 12.65 -8.74 -8.57
N PRO B 33 12.59 -7.88 -7.54
CA PRO B 33 11.57 -8.21 -6.56
C PRO B 33 10.22 -7.78 -7.14
N PRO B 34 9.12 -8.25 -6.54
CA PRO B 34 7.83 -7.82 -7.03
C PRO B 34 7.70 -6.28 -6.96
N THR B 35 7.05 -5.66 -7.92
CA THR B 35 6.84 -4.20 -7.85
C THR B 35 5.56 -3.78 -8.56
#